data_4ACL
#
_entry.id   4ACL
#
_cell.length_a   39.309
_cell.length_b   85.314
_cell.length_c   66.989
_cell.angle_alpha   90.00
_cell.angle_beta   102.38
_cell.angle_gamma   90.00
#
_symmetry.space_group_name_H-M   'P 1 21 1'
#
loop_
_entity.id
_entity.type
_entity.pdbx_description
1 polymer TSSL
2 non-polymer 'SODIUM ION'
3 non-polymer 1,2-ETHANEDIOL
4 non-polymer 'GOLD ION'
5 water water
#
_entity_poly.entity_id   1
_entity_poly.type   'polypeptide(L)'
_entity_poly.pdbx_seq_one_letter_code
;MGSSHHHHHHSSGLVPRGSHMKDFKEIEIILDIIKTTREIIEDNDNDNEKISYHRNNIRKSIFFLQEELLEKYSETVCKY
IVFPLLAYVDEKLMLLREKSASNISWSLLQLEYYDRKDGGEYVFEITDNILSENIYPQICYQTISLILHNDFYGKYYDNI
YNHSFLAYKKEIDKHIENSTIDSVNFIDIPVNSPPLSRKYSKTLK
;
_entity_poly.pdbx_strand_id   A,B
#
loop_
_chem_comp.id
_chem_comp.type
_chem_comp.name
_chem_comp.formula
AU non-polymer 'GOLD ION' 'Au 1'
EDO non-polymer 1,2-ETHANEDIOL 'C2 H6 O2'
NA non-polymer 'SODIUM ION' 'Na 1'
#
# COMPACT_ATOMS: atom_id res chain seq x y z
N ASP A 23 -8.04 7.92 -0.23
CA ASP A 23 -8.81 8.54 0.89
C ASP A 23 -8.26 8.00 2.24
N PHE A 24 -9.01 8.17 3.38
CA PHE A 24 -8.84 7.38 4.64
C PHE A 24 -9.88 7.44 5.85
N LYS A 25 -10.50 6.29 6.12
CA LYS A 25 -11.06 6.03 7.44
C LYS A 25 -9.92 5.92 8.46
N GLU A 26 -8.72 5.59 7.99
CA GLU A 26 -7.52 5.56 8.78
C GLU A 26 -7.14 6.87 9.44
N ILE A 27 -7.12 7.98 8.68
CA ILE A 27 -6.65 9.20 9.31
C ILE A 27 -7.66 9.74 10.31
N GLU A 28 -8.92 9.43 10.06
CA GLU A 28 -9.98 9.73 10.99
C GLU A 28 -9.79 8.98 12.32
N ILE A 29 -9.34 7.71 12.25
CA ILE A 29 -9.00 6.92 13.44
C ILE A 29 -7.74 7.48 14.14
N ILE A 30 -6.76 7.86 13.36
CA ILE A 30 -5.50 8.37 13.89
C ILE A 30 -5.73 9.69 14.64
N LEU A 31 -6.46 10.60 13.99
CA LEU A 31 -6.77 11.89 14.57
C LEU A 31 -7.53 11.69 15.87
N ASP A 32 -8.46 10.72 15.86
CA ASP A 32 -9.29 10.49 17.00
C ASP A 32 -8.50 9.90 18.18
N ILE A 33 -7.48 9.09 17.88
CA ILE A 33 -6.63 8.51 18.88
C ILE A 33 -5.85 9.66 19.50
N ILE A 34 -5.27 10.48 18.64
CA ILE A 34 -4.58 11.70 19.06
C ILE A 34 -5.47 12.66 19.88
N LYS A 35 -6.68 12.91 19.39
CA LYS A 35 -7.57 13.84 20.07
C LYS A 35 -7.86 13.35 21.49
N THR A 36 -8.42 12.13 21.58
CA THR A 36 -8.77 11.56 22.87
C THR A 36 -7.62 11.51 23.88
N THR A 37 -6.37 11.43 23.40
CA THR A 37 -5.18 11.34 24.24
C THR A 37 -4.87 12.69 24.85
N ARG A 38 -4.86 13.72 24.00
CA ARG A 38 -4.73 15.12 24.42
C ARG A 38 -5.79 15.51 25.48
N GLU A 39 -7.04 15.10 25.29
CA GLU A 39 -8.11 15.25 26.29
C GLU A 39 -7.80 14.64 27.67
N ILE A 40 -7.22 13.44 27.66
CA ILE A 40 -6.78 12.74 28.86
C ILE A 40 -5.71 13.50 29.67
N ILE A 41 -4.72 14.07 28.98
CA ILE A 41 -3.68 14.83 29.65
C ILE A 41 -4.25 16.15 30.20
N GLU A 42 -4.99 16.88 29.38
CA GLU A 42 -5.58 18.18 29.78
C GLU A 42 -6.43 18.08 31.05
N ASP A 43 -7.13 16.94 31.20
CA ASP A 43 -8.03 16.68 32.32
C ASP A 43 -7.27 16.67 33.63
N ASN A 44 -7.84 17.36 34.61
CA ASN A 44 -7.26 17.46 35.95
C ASN A 44 -7.25 16.11 36.67
N ASP A 45 -8.42 15.55 36.93
CA ASP A 45 -8.45 14.26 37.63
C ASP A 45 -8.90 13.08 36.79
N ASN A 46 -7.93 12.20 36.57
CA ASN A 46 -8.18 10.86 36.12
C ASN A 46 -7.85 9.92 37.26
N ASP A 47 -8.76 9.01 37.57
CA ASP A 47 -8.38 7.82 38.28
C ASP A 47 -7.90 6.74 37.29
N ASN A 48 -7.33 5.67 37.81
CA ASN A 48 -6.93 4.55 37.01
C ASN A 48 -8.03 3.92 36.20
N GLU A 49 -9.28 4.12 36.65
CA GLU A 49 -10.48 3.65 35.95
C GLU A 49 -10.54 4.25 34.56
N LYS A 50 -10.46 5.57 34.51
CA LYS A 50 -10.65 6.36 33.30
C LYS A 50 -9.53 6.10 32.27
N ILE A 51 -8.29 6.07 32.77
CA ILE A 51 -7.10 5.82 31.98
C ILE A 51 -7.19 4.45 31.33
N SER A 52 -7.51 3.46 32.14
CA SER A 52 -7.78 2.14 31.67
C SER A 52 -8.86 2.06 30.59
N TYR A 53 -9.94 2.80 30.81
CA TYR A 53 -11.03 2.80 29.86
C TYR A 53 -10.48 3.37 28.56
N HIS A 54 -9.57 4.32 28.67
CA HIS A 54 -8.99 5.03 27.53
CA HIS A 54 -9.08 4.94 27.49
C HIS A 54 -7.99 4.17 26.76
N ARG A 55 -7.26 3.34 27.50
CA ARG A 55 -6.26 2.46 26.92
C ARG A 55 -7.00 1.43 26.06
N ASN A 56 -8.13 0.95 26.56
CA ASN A 56 -8.87 -0.11 25.87
C ASN A 56 -9.56 0.44 24.62
N ASN A 57 -10.05 1.68 24.67
CA ASN A 57 -10.57 2.34 23.47
C ASN A 57 -9.51 2.57 22.40
N ILE A 58 -8.30 2.86 22.81
CA ILE A 58 -7.26 2.98 21.85
C ILE A 58 -6.99 1.61 21.21
N ARG A 59 -7.03 0.56 22.01
CA ARG A 59 -6.78 -0.81 21.51
C ARG A 59 -7.81 -1.28 20.51
N LYS A 60 -9.08 -0.92 20.77
CA LYS A 60 -10.17 -1.13 19.83
C LYS A 60 -9.92 -0.40 18.50
N SER A 61 -9.52 0.86 18.61
CA SER A 61 -9.27 1.66 17.42
C SER A 61 -8.11 1.16 16.61
N ILE A 62 -7.05 0.73 17.30
CA ILE A 62 -5.87 0.25 16.60
C ILE A 62 -6.22 -0.92 15.70
N PHE A 63 -7.06 -1.82 16.20
CA PHE A 63 -7.46 -3.01 15.44
C PHE A 63 -8.25 -2.67 14.15
N PHE A 64 -9.16 -1.71 14.25
CA PHE A 64 -9.83 -1.14 13.08
C PHE A 64 -8.86 -0.38 12.18
N LEU A 65 -7.82 0.22 12.77
CA LEU A 65 -6.84 0.92 12.00
C LEU A 65 -6.03 -0.09 11.18
N GLN A 66 -5.52 -1.12 11.85
CA GLN A 66 -4.82 -2.21 11.20
C GLN A 66 -5.62 -2.93 10.13
N GLU A 67 -6.84 -3.30 10.47
CA GLU A 67 -7.81 -3.85 9.50
C GLU A 67 -7.95 -3.04 8.20
N GLU A 68 -8.14 -1.74 8.36
CA GLU A 68 -8.24 -0.85 7.24
C GLU A 68 -6.87 -0.88 6.52
N LEU A 69 -5.75 -0.90 7.24
CA LEU A 69 -4.45 -0.86 6.54
C LEU A 69 -4.09 -2.11 5.78
N LEU A 70 -4.27 -3.28 6.42
CA LEU A 70 -3.82 -4.53 5.81
C LEU A 70 -4.59 -4.92 4.56
N GLU A 71 -5.69 -4.20 4.26
CA GLU A 71 -6.38 -4.45 3.01
C GLU A 71 -5.55 -3.99 1.81
N LYS A 72 -4.80 -2.90 2.00
CA LYS A 72 -4.09 -2.24 0.89
C LYS A 72 -2.61 -2.37 0.97
N TYR A 73 -2.07 -2.53 2.20
CA TYR A 73 -0.63 -2.35 2.45
C TYR A 73 0.09 -3.51 3.16
N SER A 74 1.43 -3.59 2.99
CA SER A 74 2.31 -4.57 3.64
C SER A 74 2.27 -4.48 5.18
N GLU A 75 2.70 -5.57 5.84
CA GLU A 75 2.91 -5.67 7.27
C GLU A 75 3.82 -4.54 7.74
N THR A 76 4.91 -4.35 7.04
CA THR A 76 5.92 -3.40 7.36
C THR A 76 5.39 -2.00 7.37
N VAL A 77 4.53 -1.69 6.42
CA VAL A 77 3.80 -0.45 6.37
C VAL A 77 2.80 -0.23 7.51
N CYS A 78 2.09 -1.25 7.96
CA CYS A 78 1.26 -1.13 9.12
C CYS A 78 2.09 -0.86 10.35
N LYS A 79 3.17 -1.58 10.49
CA LYS A 79 4.08 -1.31 11.58
C LYS A 79 4.50 0.17 11.53
N TYR A 80 4.88 0.64 10.35
CA TYR A 80 5.44 2.00 10.24
C TYR A 80 4.48 3.05 10.64
N ILE A 81 3.22 2.65 10.69
CA ILE A 81 2.13 3.55 10.97
C ILE A 81 1.61 3.35 12.39
N VAL A 82 1.38 2.10 12.77
CA VAL A 82 0.88 1.79 14.12
C VAL A 82 1.97 2.05 15.17
N PHE A 83 3.19 1.57 14.96
CA PHE A 83 4.14 1.68 16.06
C PHE A 83 4.32 3.15 16.56
N PRO A 84 4.59 4.10 15.65
CA PRO A 84 4.71 5.49 16.11
C PRO A 84 3.46 5.99 16.86
N LEU A 85 2.28 5.49 16.47
CA LEU A 85 1.07 5.91 17.17
C LEU A 85 1.08 5.42 18.60
N LEU A 86 1.45 4.14 18.78
CA LEU A 86 1.49 3.58 20.14
C LEU A 86 2.49 4.35 20.98
N ALA A 87 3.65 4.64 20.36
CA ALA A 87 4.77 5.33 20.98
C ALA A 87 4.41 6.77 21.36
N TYR A 88 3.65 7.45 20.51
CA TYR A 88 3.07 8.72 20.85
C TYR A 88 2.20 8.61 22.11
N VAL A 89 1.28 7.62 22.15
CA VAL A 89 0.43 7.49 23.32
C VAL A 89 1.21 7.16 24.58
N ASP A 90 2.11 6.19 24.52
CA ASP A 90 2.95 5.83 25.68
C ASP A 90 3.75 7.03 26.17
N GLU A 91 4.31 7.81 25.28
CA GLU A 91 5.13 8.91 25.76
C GLU A 91 4.31 9.87 26.63
N LYS A 92 3.13 10.25 26.15
CA LYS A 92 2.27 11.24 26.81
C LYS A 92 1.64 10.72 28.08
N LEU A 93 1.32 9.43 28.11
CA LEU A 93 0.73 8.84 29.31
C LEU A 93 1.81 8.62 30.34
N MET A 94 3.03 8.37 29.87
CA MET A 94 4.15 8.21 30.81
C MET A 94 4.51 9.55 31.45
N LEU A 95 4.30 10.64 30.71
CA LEU A 95 4.51 11.98 31.23
C LEU A 95 3.46 12.27 32.28
N LEU A 96 2.22 11.93 31.96
CA LEU A 96 1.14 12.26 32.85
C LEU A 96 1.30 11.46 34.11
N ARG A 97 1.72 10.21 33.96
CA ARG A 97 1.82 9.34 35.10
C ARG A 97 2.87 9.83 36.10
N GLU A 98 3.95 10.43 35.58
CA GLU A 98 5.01 11.01 36.38
C GLU A 98 4.61 12.28 37.09
N LYS A 99 4.08 13.24 36.34
CA LYS A 99 3.60 14.47 36.92
C LYS A 99 2.53 14.22 37.99
N SER A 100 1.59 13.31 37.66
CA SER A 100 0.32 13.10 38.39
C SER A 100 0.42 12.89 39.90
N ALA A 101 -0.34 13.71 40.66
CA ALA A 101 -0.53 13.53 42.11
C ALA A 101 -1.00 12.09 42.38
N SER A 102 -2.24 11.78 41.99
CA SER A 102 -2.74 10.40 41.94
C SER A 102 -1.68 9.42 41.42
N ASN A 103 -1.69 8.19 41.94
CA ASN A 103 -0.70 7.18 41.54
C ASN A 103 -1.26 6.25 40.44
N ILE A 104 -1.43 6.84 39.26
CA ILE A 104 -1.96 6.15 38.07
C ILE A 104 -0.96 5.25 37.36
N SER A 105 -1.44 4.13 36.84
CA SER A 105 -0.58 3.14 36.21
C SER A 105 -0.81 2.99 34.70
N TRP A 106 0.30 2.85 33.97
CA TRP A 106 0.31 2.66 32.53
C TRP A 106 1.25 1.56 32.09
N SER A 107 0.68 0.57 31.41
CA SER A 107 1.43 -0.50 30.79
C SER A 107 1.69 -0.12 29.32
N LEU A 108 2.94 -0.21 28.87
CA LEU A 108 3.29 0.28 27.52
C LEU A 108 2.59 -0.53 26.41
N LEU A 109 1.88 0.19 25.56
CA LEU A 109 1.26 -0.34 24.39
C LEU A 109 2.33 -0.89 23.45
N GLN A 110 3.46 -0.22 23.38
CA GLN A 110 4.47 -0.67 22.45
C GLN A 110 5.01 -1.98 22.94
N LEU A 111 4.97 -2.23 24.26
CA LEU A 111 5.31 -3.59 24.76
C LEU A 111 4.18 -4.53 24.39
N GLU A 112 2.93 -4.13 24.65
CA GLU A 112 1.83 -4.99 24.26
C GLU A 112 1.83 -5.39 22.76
N TYR A 113 2.07 -4.45 21.84
CA TYR A 113 1.96 -4.84 20.41
C TYR A 113 3.24 -5.40 19.78
N TYR A 114 4.41 -5.04 20.34
CA TYR A 114 5.68 -5.28 19.63
C TYR A 114 6.81 -5.69 20.55
N ASP A 115 6.53 -5.91 21.83
CA ASP A 115 7.53 -6.37 22.84
C ASP A 115 8.79 -5.60 22.79
N ARG A 116 8.70 -4.29 22.62
CA ARG A 116 9.86 -3.44 22.76
C ARG A 116 9.42 -2.15 23.44
N LYS A 117 10.36 -1.49 24.11
CA LYS A 117 10.08 -0.26 24.86
C LYS A 117 10.96 0.91 24.45
N ASP A 118 11.70 0.79 23.35
CA ASP A 118 12.67 1.80 22.92
C ASP A 118 12.10 2.71 21.81
N GLY A 119 10.80 2.94 21.82
CA GLY A 119 10.15 3.75 20.79
C GLY A 119 10.57 5.20 20.72
N GLY A 120 11.10 5.75 21.82
CA GLY A 120 11.77 7.05 21.78
C GLY A 120 12.84 7.09 20.68
N GLU A 121 13.45 5.94 20.41
CA GLU A 121 14.42 5.82 19.34
C GLU A 121 13.76 5.30 18.07
N TYR A 122 12.90 4.28 18.21
CA TYR A 122 12.41 3.54 17.06
C TYR A 122 11.53 4.36 16.14
N VAL A 123 10.82 5.32 16.67
CA VAL A 123 10.12 6.26 15.81
C VAL A 123 11.09 6.84 14.78
N PHE A 124 12.27 7.26 15.23
CA PHE A 124 13.22 7.84 14.31
C PHE A 124 13.92 6.88 13.35
N GLU A 125 14.14 5.62 13.72
CA GLU A 125 14.55 4.65 12.72
C GLU A 125 13.47 4.44 11.62
N ILE A 126 12.21 4.38 12.02
CA ILE A 126 11.12 4.26 11.06
C ILE A 126 11.11 5.50 10.16
N THR A 127 11.23 6.67 10.80
CA THR A 127 11.26 7.90 10.09
C THR A 127 12.42 7.91 9.07
N ASP A 128 13.60 7.51 9.51
CA ASP A 128 14.77 7.51 8.62
C ASP A 128 14.53 6.56 7.43
N ASN A 129 13.87 5.42 7.70
CA ASN A 129 13.58 4.47 6.62
C ASN A 129 12.60 5.05 5.63
N ILE A 130 11.57 5.68 6.16
CA ILE A 130 10.54 6.31 5.39
C ILE A 130 11.20 7.35 4.46
N LEU A 131 12.20 8.07 4.98
CA LEU A 131 12.87 9.09 4.19
C LEU A 131 13.99 8.55 3.23
N SER A 132 14.75 7.54 3.66
CA SER A 132 15.90 7.02 2.90
C SER A 132 15.55 5.86 1.97
N GLU A 133 14.86 4.86 2.53
CA GLU A 133 14.72 3.53 1.92
C GLU A 133 13.72 3.34 0.76
N ASN A 134 12.83 4.31 0.51
CA ASN A 134 11.78 4.19 -0.52
C ASN A 134 10.85 5.40 -0.52
N ILE A 135 9.91 5.42 -1.48
CA ILE A 135 8.70 6.22 -1.40
C ILE A 135 7.54 5.31 -0.97
N TYR A 136 7.15 5.43 0.30
CA TYR A 136 6.09 4.63 0.90
C TYR A 136 4.80 5.38 0.68
N PRO A 137 3.64 4.74 0.93
CA PRO A 137 2.38 5.42 0.80
C PRO A 137 2.32 6.63 1.67
N GLN A 138 1.62 7.62 1.17
CA GLN A 138 1.54 8.92 1.76
C GLN A 138 1.17 8.85 3.25
N ILE A 139 0.32 7.90 3.61
CA ILE A 139 -0.13 7.79 4.99
C ILE A 139 1.02 7.63 6.02
N CYS A 140 2.19 7.10 5.61
CA CYS A 140 3.31 6.92 6.52
C CYS A 140 3.84 8.31 6.88
N TYR A 141 4.01 9.14 5.86
CA TYR A 141 4.50 10.49 6.08
C TYR A 141 3.48 11.26 6.92
N GLN A 142 2.21 11.22 6.54
CA GLN A 142 1.18 11.95 7.32
C GLN A 142 1.21 11.56 8.82
N THR A 143 1.43 10.29 9.10
CA THR A 143 1.33 9.80 10.49
C THR A 143 2.45 10.29 11.37
N ILE A 144 3.68 10.18 10.86
CA ILE A 144 4.83 10.76 11.54
C ILE A 144 4.56 12.25 11.66
N SER A 145 4.19 12.92 10.56
CA SER A 145 3.97 14.37 10.63
C SER A 145 3.05 14.79 11.77
N LEU A 146 1.90 14.13 11.84
CA LEU A 146 0.90 14.32 12.87
C LEU A 146 1.40 14.14 14.29
N ILE A 147 2.11 13.04 14.55
CA ILE A 147 2.68 12.88 15.88
C ILE A 147 3.67 14.02 16.19
N LEU A 148 4.51 14.38 15.20
CA LEU A 148 5.50 15.43 15.44
C LEU A 148 4.80 16.78 15.69
N HIS A 149 3.81 17.13 14.85
CA HIS A 149 3.01 18.35 15.09
C HIS A 149 2.29 18.32 16.42
N ASN A 150 2.35 17.20 17.15
CA ASN A 150 1.75 17.09 18.49
C ASN A 150 2.78 16.83 19.58
N ASP A 151 4.04 17.16 19.28
CA ASP A 151 5.04 17.24 20.33
C ASP A 151 5.58 15.90 20.81
N PHE A 152 5.49 14.88 19.97
CA PHE A 152 6.25 13.68 20.26
C PHE A 152 7.75 13.99 20.11
N TYR A 153 8.49 13.75 21.19
CA TYR A 153 9.89 14.08 21.26
C TYR A 153 10.78 12.84 21.20
N GLY A 154 10.27 11.73 21.72
CA GLY A 154 11.10 10.55 21.85
C GLY A 154 12.43 10.91 22.49
N LYS A 155 13.51 10.41 21.87
CA LYS A 155 14.87 10.59 22.39
C LYS A 155 15.40 12.05 22.44
N TYR A 156 14.62 13.01 21.94
CA TYR A 156 14.97 14.42 21.97
C TYR A 156 14.24 15.22 23.05
N TYR A 157 13.56 14.54 24.00
CA TYR A 157 12.74 15.22 25.01
C TYR A 157 13.57 16.32 25.70
N ASP A 158 14.85 16.07 25.93
CA ASP A 158 15.67 17.10 26.54
C ASP A 158 16.17 18.20 25.52
N ASN A 159 16.16 17.88 24.23
CA ASN A 159 16.80 18.74 23.24
C ASN A 159 15.92 19.02 22.03
N ILE A 160 14.87 19.82 22.23
CA ILE A 160 13.90 20.17 21.18
C ILE A 160 14.50 20.72 19.91
N TYR A 161 15.71 21.29 20.01
CA TYR A 161 16.39 21.94 18.88
C TYR A 161 17.57 21.12 18.36
N ASN A 162 17.61 19.84 18.73
CA ASN A 162 18.58 18.98 18.10
C ASN A 162 18.44 19.02 16.56
N HIS A 163 19.53 19.27 15.85
CA HIS A 163 19.53 19.41 14.38
C HIS A 163 18.94 18.20 13.61
N SER A 164 19.29 16.98 13.99
CA SER A 164 18.59 15.80 13.47
C SER A 164 17.08 15.89 13.66
N PHE A 165 16.63 16.35 14.84
CA PHE A 165 15.22 16.35 15.19
C PHE A 165 14.49 17.35 14.31
N LEU A 166 15.07 18.56 14.21
CA LEU A 166 14.58 19.57 13.28
C LEU A 166 14.64 19.12 11.81
N ALA A 167 15.65 18.34 11.43
CA ALA A 167 15.75 17.84 10.07
C ALA A 167 14.53 16.94 9.75
N TYR A 168 14.23 16.05 10.70
CA TYR A 168 13.13 15.10 10.56
C TYR A 168 11.82 15.83 10.31
N LYS A 169 11.51 16.80 11.18
CA LYS A 169 10.31 17.59 11.00
C LYS A 169 10.29 18.15 9.58
N LYS A 170 11.31 18.94 9.19
CA LYS A 170 11.29 19.63 7.88
C LYS A 170 11.10 18.60 6.79
N GLU A 171 11.94 17.55 6.81
CA GLU A 171 11.97 16.53 5.79
C GLU A 171 10.65 15.74 5.60
N ILE A 172 10.01 15.28 6.68
CA ILE A 172 8.77 14.52 6.46
C ILE A 172 7.68 15.47 5.90
N ASP A 173 7.62 16.70 6.40
CA ASP A 173 6.59 17.65 5.99
C ASP A 173 6.68 17.99 4.51
N LYS A 174 7.87 17.87 3.93
CA LYS A 174 8.10 18.12 2.52
C LYS A 174 7.57 16.98 1.67
N HIS A 175 7.07 15.95 2.33
CA HIS A 175 6.44 14.81 1.64
C HIS A 175 4.93 14.93 1.54
N ILE A 176 4.34 15.83 2.30
CA ILE A 176 2.87 16.02 2.36
C ILE A 176 2.40 17.29 1.61
N GLU A 177 1.11 17.29 1.22
CA GLU A 177 0.43 18.40 0.48
C GLU A 177 -0.03 19.58 1.35
N ASP B 23 4.48 8.13 -7.58
CA ASP B 23 5.89 7.68 -7.85
C ASP B 23 6.04 6.15 -7.84
N PHE B 24 6.59 5.61 -8.94
CA PHE B 24 6.94 4.19 -9.03
C PHE B 24 8.10 3.82 -10.01
N LYS B 25 8.98 2.92 -9.53
CA LYS B 25 9.84 2.05 -10.34
C LYS B 25 8.96 0.99 -11.05
N GLU B 26 7.77 0.75 -10.48
CA GLU B 26 6.85 -0.26 -10.96
C GLU B 26 6.06 0.13 -12.19
N ILE B 27 5.72 1.40 -12.36
CA ILE B 27 5.06 1.77 -13.63
C ILE B 27 6.01 1.70 -14.84
N GLU B 28 7.32 1.72 -14.60
CA GLU B 28 8.32 1.46 -15.62
C GLU B 28 8.23 -0.01 -16.02
N ILE B 29 8.42 -0.90 -15.05
CA ILE B 29 8.37 -2.33 -15.28
C ILE B 29 7.11 -2.70 -16.04
N ILE B 30 5.96 -2.19 -15.59
CA ILE B 30 4.67 -2.36 -16.29
C ILE B 30 4.64 -1.90 -17.77
N LEU B 31 5.28 -0.77 -18.06
CA LEU B 31 5.28 -0.23 -19.43
C LEU B 31 6.20 -1.04 -20.34
N ASP B 32 7.26 -1.56 -19.73
CA ASP B 32 8.18 -2.44 -20.41
C ASP B 32 7.46 -3.74 -20.82
N ILE B 33 6.82 -4.43 -19.87
CA ILE B 33 5.98 -5.60 -20.16
C ILE B 33 5.02 -5.32 -21.35
N ILE B 34 4.49 -4.14 -21.42
CA ILE B 34 3.57 -3.87 -22.51
C ILE B 34 4.31 -3.67 -23.83
N LYS B 35 5.48 -3.05 -23.77
CA LYS B 35 6.31 -2.80 -24.95
C LYS B 35 6.89 -4.09 -25.47
N THR B 36 7.51 -4.91 -24.60
CA THR B 36 8.09 -6.16 -25.07
C THR B 36 7.03 -7.19 -25.51
N THR B 37 5.75 -6.88 -25.28
CA THR B 37 4.66 -7.70 -25.79
C THR B 37 4.27 -7.18 -27.17
N ARG B 38 4.17 -5.87 -27.32
CA ARG B 38 3.95 -5.27 -28.64
C ARG B 38 5.20 -5.42 -29.52
N GLU B 39 6.28 -5.91 -28.95
CA GLU B 39 7.50 -6.28 -29.68
C GLU B 39 7.31 -7.65 -30.30
N ILE B 40 6.81 -8.59 -29.48
CA ILE B 40 6.53 -9.94 -29.90
C ILE B 40 5.45 -9.95 -31.00
N ILE B 41 4.36 -9.21 -30.76
CA ILE B 41 3.21 -9.17 -31.69
C ILE B 41 3.52 -8.53 -33.04
N GLU B 42 4.43 -7.55 -33.05
CA GLU B 42 4.81 -6.90 -34.32
C GLU B 42 5.76 -7.74 -35.23
N ASP B 43 6.85 -8.28 -34.68
CA ASP B 43 7.94 -8.85 -35.50
C ASP B 43 7.52 -9.96 -36.50
N ASN B 44 7.56 -9.62 -37.80
CA ASN B 44 7.12 -10.51 -38.89
C ASN B 44 7.62 -11.96 -38.83
N ASP B 45 8.91 -12.12 -38.54
CA ASP B 45 9.57 -13.43 -38.44
C ASP B 45 9.87 -13.85 -36.98
N ASN B 46 8.83 -14.29 -36.24
CA ASN B 46 9.01 -14.86 -34.89
C ASN B 46 9.01 -16.39 -34.83
N ASP B 47 10.15 -16.97 -34.50
CA ASP B 47 10.20 -18.39 -34.13
C ASP B 47 9.99 -18.55 -32.62
N ASN B 48 9.97 -19.79 -32.15
CA ASN B 48 9.69 -20.07 -30.75
C ASN B 48 10.86 -19.97 -29.76
N GLU B 49 12.07 -19.68 -30.26
CA GLU B 49 13.18 -19.32 -29.35
C GLU B 49 13.10 -17.84 -28.93
N LYS B 50 12.64 -17.00 -29.86
CA LYS B 50 12.42 -15.60 -29.59
C LYS B 50 11.25 -15.49 -28.60
N ILE B 51 10.10 -16.08 -28.95
CA ILE B 51 8.93 -16.11 -28.07
C ILE B 51 9.31 -16.62 -26.67
N SER B 52 9.98 -17.75 -26.63
CA SER B 52 10.42 -18.33 -25.38
C SER B 52 11.31 -17.38 -24.59
N TYR B 53 12.11 -16.57 -25.31
CA TYR B 53 13.04 -15.62 -24.67
C TYR B 53 12.30 -14.45 -24.04
N HIS B 54 11.17 -14.11 -24.63
CA HIS B 54 10.40 -12.99 -24.17
C HIS B 54 9.48 -13.36 -23.03
N ARG B 55 8.92 -14.57 -23.06
CA ARG B 55 8.23 -15.12 -21.89
C ARG B 55 9.12 -15.02 -20.67
N ASN B 56 10.41 -15.32 -20.84
CA ASN B 56 11.35 -15.35 -19.72
C ASN B 56 11.78 -13.96 -19.33
N ASN B 57 11.63 -13.03 -20.25
CA ASN B 57 11.92 -11.66 -19.95
C ASN B 57 10.81 -11.04 -19.13
N ILE B 58 9.59 -11.49 -19.40
CA ILE B 58 8.42 -11.07 -18.66
C ILE B 58 8.46 -11.67 -17.27
N ARG B 59 8.77 -12.97 -17.14
CA ARG B 59 8.85 -13.59 -15.82
C ARG B 59 9.88 -12.88 -14.94
N LYS B 60 11.08 -12.67 -15.45
CA LYS B 60 12.06 -11.79 -14.79
C LYS B 60 11.42 -10.43 -14.35
N SER B 61 10.79 -9.74 -15.29
CA SER B 61 10.16 -8.45 -14.99
C SER B 61 9.09 -8.53 -13.91
N ILE B 62 8.36 -9.63 -13.88
CA ILE B 62 7.30 -9.87 -12.91
C ILE B 62 7.91 -10.03 -11.52
N PHE B 63 9.04 -10.72 -11.47
CA PHE B 63 9.73 -10.98 -10.22
C PHE B 63 10.04 -9.67 -9.53
N PHE B 64 10.71 -8.79 -10.27
CA PHE B 64 11.10 -7.52 -9.70
C PHE B 64 9.88 -6.66 -9.39
N LEU B 65 8.82 -6.76 -10.21
CA LEU B 65 7.62 -6.00 -9.91
C LEU B 65 7.02 -6.48 -8.58
N GLN B 66 6.88 -7.78 -8.41
CA GLN B 66 6.42 -8.32 -7.13
C GLN B 66 7.31 -7.91 -5.94
N GLU B 67 8.62 -7.95 -6.13
CA GLU B 67 9.57 -7.53 -5.10
C GLU B 67 9.31 -6.11 -4.64
N GLU B 68 9.23 -5.19 -5.59
CA GLU B 68 9.00 -3.80 -5.31
C GLU B 68 7.63 -3.65 -4.57
N LEU B 69 6.55 -4.11 -5.19
CA LEU B 69 5.20 -3.99 -4.67
C LEU B 69 5.05 -4.51 -3.23
N LEU B 70 5.61 -5.69 -2.94
CA LEU B 70 5.39 -6.29 -1.62
C LEU B 70 5.99 -5.49 -0.46
N GLU B 71 7.00 -4.69 -0.70
CA GLU B 71 7.53 -3.85 0.35
C GLU B 71 6.49 -2.80 0.86
N LYS B 72 5.53 -2.41 -0.01
CA LYS B 72 4.51 -1.37 0.30
C LYS B 72 3.07 -1.90 0.41
N TYR B 73 2.75 -2.97 -0.32
CA TYR B 73 1.34 -3.38 -0.61
C TYR B 73 0.95 -4.76 -0.12
N SER B 74 -0.32 -4.90 0.28
CA SER B 74 -0.92 -6.25 0.55
C SER B 74 -0.78 -7.22 -0.63
N GLU B 75 -0.69 -8.52 -0.32
CA GLU B 75 -0.81 -9.63 -1.27
C GLU B 75 -1.89 -9.37 -2.31
N THR B 76 -3.04 -8.84 -1.89
CA THR B 76 -4.22 -8.60 -2.75
C THR B 76 -3.94 -7.55 -3.76
N VAL B 77 -3.33 -6.47 -3.30
CA VAL B 77 -2.92 -5.45 -4.22
C VAL B 77 -1.88 -6.04 -5.18
N CYS B 78 -0.96 -6.89 -4.71
CA CYS B 78 0.02 -7.42 -5.67
C CYS B 78 -0.70 -8.14 -6.81
N LYS B 79 -1.65 -9.00 -6.44
CA LYS B 79 -2.53 -9.68 -7.38
C LYS B 79 -3.36 -8.69 -8.20
N TYR B 80 -4.01 -7.72 -7.58
CA TYR B 80 -4.81 -6.87 -8.47
C TYR B 80 -3.97 -6.24 -9.60
N ILE B 81 -2.67 -6.11 -9.42
CA ILE B 81 -1.84 -5.43 -10.39
C ILE B 81 -1.23 -6.48 -11.27
N VAL B 82 -0.79 -7.58 -10.67
CA VAL B 82 0.00 -8.51 -11.44
C VAL B 82 -0.82 -9.39 -12.34
N PHE B 83 -1.98 -9.83 -11.85
CA PHE B 83 -2.78 -10.77 -12.64
C PHE B 83 -3.31 -10.14 -13.92
N PRO B 84 -3.79 -8.88 -13.86
CA PRO B 84 -4.32 -8.43 -15.14
C PRO B 84 -3.19 -8.26 -16.13
N LEU B 85 -1.98 -8.00 -15.63
CA LEU B 85 -0.81 -7.92 -16.52
C LEU B 85 -0.55 -9.21 -17.21
N LEU B 86 -0.55 -10.29 -16.42
CA LEU B 86 -0.28 -11.61 -16.97
C LEU B 86 -1.37 -12.00 -17.94
N ALA B 87 -2.62 -11.74 -17.53
CA ALA B 87 -3.79 -11.92 -18.41
C ALA B 87 -3.74 -11.11 -19.72
N TYR B 88 -3.25 -9.89 -19.64
CA TYR B 88 -3.08 -9.09 -20.88
C TYR B 88 -2.06 -9.74 -21.83
N VAL B 89 -0.95 -10.21 -21.27
CA VAL B 89 0.09 -10.84 -22.03
C VAL B 89 -0.42 -12.15 -22.66
N ASP B 90 -0.92 -13.08 -21.84
CA ASP B 90 -1.55 -14.30 -22.37
C ASP B 90 -2.52 -13.97 -23.50
N GLU B 91 -3.46 -13.06 -23.25
CA GLU B 91 -4.49 -12.74 -24.27
C GLU B 91 -3.87 -12.44 -25.64
N LYS B 92 -2.84 -11.61 -25.65
CA LYS B 92 -2.27 -11.16 -26.91
C LYS B 92 -1.46 -12.26 -27.65
N LEU B 93 -0.84 -13.17 -26.89
CA LEU B 93 -0.10 -14.31 -27.39
C LEU B 93 -0.99 -15.43 -27.95
N MET B 94 -2.12 -15.67 -27.28
CA MET B 94 -3.20 -16.47 -27.84
C MET B 94 -3.79 -15.89 -29.17
N LEU B 95 -4.15 -14.61 -29.19
CA LEU B 95 -4.58 -14.00 -30.46
C LEU B 95 -3.55 -14.16 -31.57
N LEU B 96 -2.27 -14.11 -31.21
CA LEU B 96 -1.20 -14.39 -32.16
C LEU B 96 -1.16 -15.87 -32.55
N ARG B 97 -1.35 -16.78 -31.59
CA ARG B 97 -1.47 -18.18 -31.94
C ARG B 97 -2.47 -18.39 -33.07
N GLU B 98 -3.72 -17.95 -32.88
CA GLU B 98 -4.76 -18.15 -33.90
C GLU B 98 -4.55 -17.42 -35.22
N LYS B 99 -3.79 -16.34 -35.23
CA LYS B 99 -3.68 -15.54 -36.44
C LYS B 99 -2.28 -15.56 -37.08
N SER B 100 -1.55 -16.67 -36.91
CA SER B 100 -0.12 -16.70 -37.28
C SER B 100 0.27 -17.86 -38.21
N ALA B 101 1.48 -17.76 -38.78
CA ALA B 101 2.09 -18.81 -39.62
C ALA B 101 2.74 -19.92 -38.80
N SER B 102 4.03 -19.76 -38.43
CA SER B 102 4.75 -20.75 -37.60
C SER B 102 3.92 -21.09 -36.36
N ASN B 103 3.82 -22.38 -36.01
CA ASN B 103 2.83 -22.84 -35.02
C ASN B 103 3.24 -22.49 -33.58
N ILE B 104 3.02 -21.22 -33.22
CA ILE B 104 3.55 -20.61 -31.98
C ILE B 104 2.96 -21.24 -30.73
N SER B 105 3.79 -21.40 -29.70
CA SER B 105 3.37 -22.09 -28.49
C SER B 105 3.64 -21.27 -27.23
N TRP B 106 2.64 -21.30 -26.36
CA TRP B 106 2.62 -20.43 -25.23
C TRP B 106 1.89 -21.13 -24.07
N SER B 107 2.63 -21.41 -23.00
CA SER B 107 2.00 -21.70 -21.74
C SER B 107 1.50 -20.40 -21.15
N LEU B 108 0.31 -20.45 -20.54
CA LEU B 108 -0.32 -19.31 -19.90
C LEU B 108 0.42 -18.86 -18.66
N LEU B 109 0.92 -17.63 -18.69
CA LEU B 109 1.46 -16.98 -17.50
C LEU B 109 0.49 -16.97 -16.29
N GLN B 110 -0.81 -17.03 -16.55
CA GLN B 110 -1.80 -16.97 -15.47
C GLN B 110 -2.02 -18.34 -14.84
N LEU B 111 -1.98 -19.39 -15.65
CA LEU B 111 -1.97 -20.75 -15.09
C LEU B 111 -0.83 -20.78 -14.09
N GLU B 112 0.38 -20.64 -14.64
CA GLU B 112 1.63 -20.69 -13.88
C GLU B 112 1.55 -19.96 -12.55
N TYR B 113 1.22 -18.68 -12.58
CA TYR B 113 1.32 -17.87 -11.38
C TYR B 113 0.12 -17.93 -10.43
N TYR B 114 -1.09 -18.01 -10.99
CA TYR B 114 -2.28 -17.90 -10.14
C TYR B 114 -3.29 -19.06 -10.25
N ASP B 115 -2.85 -20.19 -10.80
CA ASP B 115 -3.66 -21.44 -10.97
C ASP B 115 -5.06 -21.26 -11.56
N ARG B 116 -5.20 -20.33 -12.51
CA ARG B 116 -6.47 -20.14 -13.21
C ARG B 116 -6.28 -19.78 -14.69
N LYS B 117 -7.35 -19.88 -15.46
CA LYS B 117 -7.31 -19.52 -16.88
C LYS B 117 -8.54 -18.72 -17.33
N ASP B 118 -9.29 -18.22 -16.34
CA ASP B 118 -10.44 -17.39 -16.56
C ASP B 118 -10.10 -15.86 -16.52
N GLY B 119 -8.99 -15.47 -17.12
CA GLY B 119 -8.51 -14.09 -17.05
C GLY B 119 -9.36 -13.07 -17.78
N GLY B 120 -9.85 -13.45 -18.96
CA GLY B 120 -10.84 -12.71 -19.69
C GLY B 120 -12.02 -12.34 -18.81
N GLU B 121 -12.19 -13.06 -17.69
CA GLU B 121 -13.26 -12.82 -16.70
C GLU B 121 -12.77 -12.19 -15.42
N TYR B 122 -11.78 -12.83 -14.78
CA TYR B 122 -11.20 -12.36 -13.53
C TYR B 122 -10.73 -10.85 -13.50
N VAL B 123 -10.21 -10.36 -14.63
CA VAL B 123 -9.73 -9.01 -14.76
C VAL B 123 -10.85 -8.03 -14.52
N PHE B 124 -12.04 -8.41 -14.96
CA PHE B 124 -13.21 -7.58 -14.70
C PHE B 124 -13.79 -7.82 -13.31
N GLU B 125 -13.59 -9.01 -12.75
CA GLU B 125 -13.99 -9.11 -11.37
C GLU B 125 -13.08 -8.19 -10.52
N ILE B 126 -11.78 -8.16 -10.86
CA ILE B 126 -10.81 -7.35 -10.14
C ILE B 126 -11.13 -5.89 -10.31
N THR B 127 -11.52 -5.53 -11.52
CA THR B 127 -11.94 -4.18 -11.79
C THR B 127 -13.20 -3.79 -11.02
N ASP B 128 -14.17 -4.70 -10.90
CA ASP B 128 -15.32 -4.44 -10.02
C ASP B 128 -14.88 -4.12 -8.58
N ASN B 129 -14.05 -5.00 -8.01
CA ASN B 129 -13.62 -4.88 -6.62
C ASN B 129 -12.92 -3.58 -6.32
N ILE B 130 -12.03 -3.20 -7.23
CA ILE B 130 -11.29 -1.96 -7.20
C ILE B 130 -12.23 -0.75 -7.35
N LEU B 131 -13.29 -0.89 -8.13
CA LEU B 131 -14.17 0.25 -8.32
C LEU B 131 -15.22 0.38 -7.19
N SER B 132 -15.38 -0.69 -6.39
CA SER B 132 -16.55 -0.80 -5.54
C SER B 132 -16.22 -1.04 -4.09
N GLU B 133 -15.20 -1.87 -3.84
CA GLU B 133 -14.88 -2.35 -2.47
C GLU B 133 -14.01 -1.43 -1.61
N ASN B 134 -13.41 -0.39 -2.21
CA ASN B 134 -12.41 0.44 -1.51
C ASN B 134 -11.81 1.58 -2.37
N ILE B 135 -10.98 2.39 -1.72
CA ILE B 135 -10.09 3.31 -2.41
C ILE B 135 -8.65 2.78 -2.31
N TYR B 136 -8.24 2.05 -3.36
CA TYR B 136 -7.03 1.26 -3.48
C TYR B 136 -5.89 2.13 -4.00
N PRO B 137 -4.62 1.70 -3.87
CA PRO B 137 -3.57 2.58 -4.34
C PRO B 137 -3.72 2.85 -5.83
N GLN B 138 -3.57 4.10 -6.17
CA GLN B 138 -3.61 4.60 -7.52
C GLN B 138 -3.06 3.62 -8.58
N ILE B 139 -2.08 2.81 -8.19
CA ILE B 139 -1.40 1.98 -9.17
C ILE B 139 -2.27 0.82 -9.74
N CYS B 140 -3.18 0.31 -8.91
CA CYS B 140 -4.26 -0.57 -9.30
C CYS B 140 -5.06 -0.02 -10.49
N TYR B 141 -5.50 1.23 -10.38
CA TYR B 141 -6.25 1.98 -11.41
C TYR B 141 -5.44 2.28 -12.67
N GLN B 142 -4.16 2.63 -12.49
CA GLN B 142 -3.28 2.86 -13.66
C GLN B 142 -2.97 1.58 -14.43
N THR B 143 -2.84 0.45 -13.73
CA THR B 143 -2.61 -0.81 -14.37
C THR B 143 -3.81 -1.27 -15.25
N ILE B 144 -5.04 -1.25 -14.72
CA ILE B 144 -6.24 -1.60 -15.52
C ILE B 144 -6.37 -0.68 -16.75
N SER B 145 -6.34 0.62 -16.50
CA SER B 145 -6.38 1.60 -17.55
C SER B 145 -5.39 1.33 -18.68
N LEU B 146 -4.17 0.99 -18.29
CA LEU B 146 -3.12 0.81 -19.26
C LEU B 146 -3.42 -0.38 -20.17
N ILE B 147 -3.87 -1.50 -19.59
CA ILE B 147 -4.19 -2.66 -20.42
C ILE B 147 -5.41 -2.44 -21.36
N LEU B 148 -6.49 -1.88 -20.81
CA LEU B 148 -7.59 -1.34 -21.60
C LEU B 148 -7.12 -0.40 -22.72
N HIS B 149 -6.27 0.56 -22.41
CA HIS B 149 -5.64 1.41 -23.45
C HIS B 149 -4.78 0.61 -24.44
N ASN B 150 -4.43 -0.62 -24.11
CA ASN B 150 -3.75 -1.38 -25.10
C ASN B 150 -4.61 -2.46 -25.71
N ASP B 151 -5.93 -2.29 -25.60
CA ASP B 151 -6.89 -3.14 -26.28
C ASP B 151 -7.08 -4.56 -25.67
N PHE B 152 -6.90 -4.71 -24.36
CA PHE B 152 -7.39 -5.90 -23.67
C PHE B 152 -8.94 -5.99 -23.77
N TYR B 153 -9.44 -7.18 -24.09
CA TYR B 153 -10.87 -7.38 -24.29
C TYR B 153 -11.47 -8.35 -23.29
N GLY B 154 -10.63 -9.25 -22.78
CA GLY B 154 -11.13 -10.33 -21.94
C GLY B 154 -12.36 -10.98 -22.56
N LYS B 155 -13.43 -11.02 -21.79
CA LYS B 155 -14.68 -11.71 -22.15
C LYS B 155 -15.49 -10.95 -23.21
N TYR B 156 -15.07 -9.72 -23.49
CA TYR B 156 -15.69 -8.90 -24.53
C TYR B 156 -15.11 -9.07 -25.97
N TYR B 157 -14.22 -10.06 -26.17
CA TYR B 157 -13.58 -10.28 -27.48
C TYR B 157 -14.52 -10.29 -28.67
N ASP B 158 -15.69 -10.91 -28.51
CA ASP B 158 -16.66 -11.02 -29.60
C ASP B 158 -17.31 -9.67 -29.98
N ASN B 159 -17.52 -8.80 -28.99
CA ASN B 159 -18.19 -7.51 -29.24
C ASN B 159 -17.70 -6.38 -28.34
N ILE B 160 -16.98 -5.49 -28.97
CA ILE B 160 -16.19 -4.43 -28.39
C ILE B 160 -17.08 -3.24 -28.04
N TYR B 161 -18.35 -3.38 -28.39
CA TYR B 161 -19.33 -2.30 -28.24
C TYR B 161 -20.16 -2.50 -27.00
N ASN B 162 -19.96 -3.64 -26.32
CA ASN B 162 -20.67 -3.97 -25.11
C ASN B 162 -20.68 -2.78 -24.14
N HIS B 163 -21.82 -2.49 -23.56
CA HIS B 163 -22.01 -1.27 -22.75
C HIS B 163 -21.25 -1.31 -21.41
N SER B 164 -21.42 -2.42 -20.67
CA SER B 164 -20.60 -2.73 -19.51
C SER B 164 -19.12 -2.55 -19.82
N PHE B 165 -18.62 -3.15 -20.90
CA PHE B 165 -17.23 -3.00 -21.30
C PHE B 165 -16.79 -1.55 -21.36
N LEU B 166 -17.51 -0.71 -22.09
CA LEU B 166 -17.20 0.70 -22.19
C LEU B 166 -17.37 1.48 -20.89
N ALA B 167 -18.17 0.94 -19.97
CA ALA B 167 -18.43 1.62 -18.71
C ALA B 167 -17.19 1.50 -17.84
N TYR B 168 -16.58 0.31 -17.83
CA TYR B 168 -15.33 0.08 -17.13
C TYR B 168 -14.22 1.02 -17.64
N LYS B 169 -14.11 1.17 -18.96
CA LYS B 169 -13.07 2.03 -19.50
C LYS B 169 -13.25 3.43 -18.87
N LYS B 170 -14.47 3.96 -19.00
CA LYS B 170 -14.82 5.25 -18.46
C LYS B 170 -14.53 5.36 -16.94
N GLU B 171 -14.96 4.35 -16.18
CA GLU B 171 -14.89 4.39 -14.73
C GLU B 171 -13.48 4.32 -14.11
N ILE B 172 -12.56 3.57 -14.69
CA ILE B 172 -11.17 3.62 -14.21
C ILE B 172 -10.47 4.98 -14.44
N ASP B 173 -10.60 5.56 -15.62
CA ASP B 173 -9.99 6.85 -15.96
C ASP B 173 -10.42 7.99 -15.02
N LYS B 174 -11.66 7.94 -14.52
CA LYS B 174 -12.14 8.90 -13.51
C LYS B 174 -11.58 8.62 -12.10
N HIS B 175 -10.45 7.92 -12.03
CA HIS B 175 -9.75 7.66 -10.78
C HIS B 175 -8.27 8.02 -10.96
N ILE B 176 -7.89 8.32 -12.20
CA ILE B 176 -6.49 8.52 -12.55
C ILE B 176 -6.05 9.98 -12.58
N GLU B 177 -4.95 10.24 -11.86
CA GLU B 177 -4.32 11.59 -11.68
C GLU B 177 -5.16 12.61 -10.89
NA NA C . 7.53 -7.95 28.78
C1 EDO D . 11.48 5.98 25.80
O1 EDO D . 11.43 5.11 24.64
C2 EDO D . 10.49 7.16 25.76
O2 EDO D . 11.22 8.39 25.88
C1 EDO E . 16.01 22.93 24.66
O1 EDO E . 15.56 21.57 24.82
C2 EDO E . 16.24 23.22 23.16
O2 EDO E . 17.13 22.27 22.54
AU AU F . -1.07 -4.79 10.77
AU AU G . 6.50 10.86 -0.25
AU AU H . 12.71 11.40 0.42
AU AU I . 2.58 21.75 14.24
AU AU J . 21.88 18.85 8.51
AU AU K . 4.34 21.81 10.69
AU AU L . -8.91 6.12 -6.96
AU AU M . -7.10 7.25 -21.09
AU AU N . -26.33 0.34 -21.83
AU AU O . 2.63 -10.69 -5.02
AU AU P . -6.22 4.29 -25.45
AU AU Q . -15.31 5.14 -7.39
#